data_6SR8
#
_entry.id   6SR8
#
_cell.length_a   68.490
_cell.length_b   141.960
_cell.length_c   65.370
_cell.angle_alpha   90.000
_cell.angle_beta   116.210
_cell.angle_gamma   90.000
#
_symmetry.space_group_name_H-M   'C 1 2 1'
#
loop_
_entity.id
_entity.type
_entity.pdbx_description
1 polymer 'Uncharacterized protein'
2 non-polymer GLUTATHIONE
3 water water
#
_entity_poly.entity_id   1
_entity_poly.type   'polypeptide(L)'
_entity_poly.pdbx_seq_one_letter_code
;MPERITLYTAKICPFAQRVEIALHEAKAHHNVEQFQIDLQNKPEWYAPKVNPASKVPAIAYGGPHVPPDQPSPESIKLAE
SLILVEFVADLFPHSHLLPHDPVKRAQARFFIDGVSTKFIPAWHAFSQGKSSEEDFLTAVEHLQALLPESGFAVGAYSIA
DVALTPFLGRARVTLKEDLGGYPRGEGPRVLAVLTSGTGRLARFGKYAQDLLARESFQATFDEAYITERYKARFADLRKH
HHHHH
;
_entity_poly.pdbx_strand_id   A,B
#
# COMPACT_ATOMS: atom_id res chain seq x y z
N PRO A 2 19.78 -7.98 38.49
CA PRO A 2 18.32 -8.11 38.58
C PRO A 2 17.93 -9.52 39.01
N GLU A 3 16.65 -9.75 39.26
CA GLU A 3 16.17 -11.09 39.61
C GLU A 3 16.09 -12.00 38.40
N ARG A 4 15.78 -13.29 38.62
CA ARG A 4 15.81 -14.24 37.52
C ARG A 4 14.70 -13.93 36.51
N ILE A 5 14.96 -14.19 35.25
CA ILE A 5 14.00 -13.95 34.18
C ILE A 5 13.74 -15.26 33.43
N THR A 6 12.46 -15.62 33.33
CA THR A 6 12.03 -16.64 32.40
C THR A 6 11.24 -15.93 31.31
N LEU A 7 11.68 -16.09 30.07
CA LEU A 7 11.02 -15.52 28.90
C LEU A 7 10.28 -16.61 28.16
N TYR A 8 8.97 -16.43 27.99
CA TYR A 8 8.16 -17.27 27.12
C TYR A 8 8.06 -16.60 25.74
N THR A 9 8.59 -17.31 24.73
CA THR A 9 8.81 -16.73 23.41
C THR A 9 8.46 -17.79 22.35
N ALA A 10 8.67 -17.41 21.09
CA ALA A 10 8.48 -18.30 19.96
C ALA A 10 9.28 -17.76 18.79
N LYS A 11 10.03 -18.64 18.12
CA LYS A 11 10.91 -18.19 17.06
C LYS A 11 10.12 -17.47 15.95
N ILE A 12 8.86 -17.85 15.74
CA ILE A 12 8.10 -17.31 14.61
C ILE A 12 7.65 -15.89 14.85
N CYS A 13 7.60 -15.45 16.12
CA CYS A 13 6.85 -14.26 16.51
C CYS A 13 7.74 -13.02 16.53
N PRO A 14 7.50 -12.02 15.67
CA PRO A 14 8.29 -10.78 15.72
C PRO A 14 8.11 -10.06 17.02
N PHE A 15 6.94 -10.10 17.64
CA PHE A 15 6.80 -9.33 18.86
C PHE A 15 7.69 -9.92 19.96
N ALA A 16 7.77 -11.25 20.01
CA ALA A 16 8.65 -11.91 20.96
C ALA A 16 10.11 -11.60 20.67
N GLN A 17 10.49 -11.54 19.40
CA GLN A 17 11.87 -11.27 19.06
C GLN A 17 12.31 -9.90 19.54
N ARG A 18 11.37 -8.95 19.69
CA ARG A 18 11.73 -7.66 20.28
C ARG A 18 12.42 -7.84 21.62
N VAL A 19 11.84 -8.73 22.46
CA VAL A 19 12.37 -8.99 23.80
C VAL A 19 13.68 -9.76 23.71
N GLU A 20 13.78 -10.72 22.79
CA GLU A 20 15.06 -11.41 22.60
C GLU A 20 16.16 -10.45 22.16
N ILE A 21 15.86 -9.51 21.25
CA ILE A 21 16.85 -8.52 20.81
C ILE A 21 17.28 -7.67 21.99
N ALA A 22 16.31 -7.18 22.75
CA ALA A 22 16.60 -6.31 23.87
C ALA A 22 17.56 -7.00 24.84
N LEU A 23 17.26 -8.24 25.19
CA LEU A 23 18.12 -9.02 26.09
C LEU A 23 19.52 -9.17 25.49
N HIS A 24 19.60 -9.45 24.21
CA HIS A 24 20.90 -9.61 23.55
C HIS A 24 21.69 -8.30 23.58
N GLU A 25 21.06 -7.18 23.19
CA GLU A 25 21.73 -5.88 23.31
C GLU A 25 22.20 -5.66 24.74
N ALA A 26 21.44 -6.14 25.71
CA ALA A 26 21.88 -6.04 27.12
C ALA A 26 22.90 -7.10 27.47
N LYS A 27 23.28 -7.96 26.52
CA LYS A 27 24.26 -9.02 26.75
C LYS A 27 23.82 -9.88 27.93
N ALA A 28 22.52 -10.10 28.00
CA ALA A 28 21.89 -10.81 29.07
C ALA A 28 21.17 -12.05 28.54
N HIS A 29 21.24 -12.29 27.23
CA HIS A 29 20.52 -13.39 26.60
C HIS A 29 20.91 -14.73 27.17
N HIS A 30 22.11 -14.83 27.73
CA HIS A 30 22.53 -16.07 28.39
C HIS A 30 22.20 -16.11 29.88
N ASN A 31 21.73 -15.01 30.46
CA ASN A 31 21.22 -15.00 31.83
C ASN A 31 19.79 -15.51 31.94
N VAL A 32 19.04 -15.48 30.90
CA VAL A 32 17.60 -15.71 31.00
C VAL A 32 17.30 -17.13 30.56
N GLU A 33 16.21 -17.65 31.08
CA GLU A 33 15.72 -18.96 30.67
C GLU A 33 14.63 -18.74 29.63
N GLN A 34 14.82 -19.27 28.44
CA GLN A 34 13.81 -19.19 27.39
C GLN A 34 12.99 -20.46 27.41
N PHE A 35 11.68 -20.31 27.27
CA PHE A 35 10.80 -21.43 27.00
C PHE A 35 10.00 -21.13 25.73
N GLN A 36 10.13 -22.02 24.74
CA GLN A 36 9.45 -21.87 23.46
C GLN A 36 8.01 -22.35 23.55
N ILE A 37 7.09 -21.48 23.14
CA ILE A 37 5.68 -21.82 23.09
C ILE A 37 5.30 -22.20 21.66
N ASP A 38 4.67 -23.35 21.54
CA ASP A 38 4.13 -23.80 20.27
C ASP A 38 2.78 -23.14 20.12
N LEU A 39 2.69 -22.15 19.24
CA LEU A 39 1.47 -21.37 19.12
C LEU A 39 0.32 -22.19 18.50
N GLN A 40 0.61 -23.32 17.88
CA GLN A 40 -0.48 -24.16 17.40
C GLN A 40 -0.94 -25.17 18.44
N ASN A 41 -0.19 -25.35 19.53
CA ASN A 41 -0.56 -26.31 20.57
C ASN A 41 -0.06 -25.71 21.89
N LYS A 42 -0.78 -24.69 22.38
CA LYS A 42 -0.29 -23.95 23.51
C LYS A 42 -0.51 -24.76 24.77
N PRO A 43 0.46 -24.76 25.69
CA PRO A 43 0.28 -25.53 26.92
C PRO A 43 -0.94 -25.04 27.68
N GLU A 44 -1.67 -25.98 28.30
CA GLU A 44 -2.88 -25.61 29.03
C GLU A 44 -2.59 -24.77 30.26
N TRP A 45 -1.35 -24.80 30.79
CA TRP A 45 -1.00 -23.95 31.93
C TRP A 45 -0.61 -22.52 31.53
N TYR A 46 -0.35 -22.25 30.24
CA TYR A 46 0.19 -20.97 29.83
C TYR A 46 -0.77 -19.82 30.11
N ALA A 47 -1.97 -19.91 29.59
CA ALA A 47 -2.89 -18.79 29.79
C ALA A 47 -3.27 -18.61 31.25
N PRO A 48 -3.65 -19.66 31.99
CA PRO A 48 -4.08 -19.42 33.37
C PRO A 48 -2.96 -19.07 34.30
N LYS A 49 -1.71 -19.47 34.00
CA LYS A 49 -0.61 -19.20 34.92
C LYS A 49 0.39 -18.14 34.49
N VAL A 50 0.54 -17.85 33.19
CA VAL A 50 1.53 -16.89 32.71
C VAL A 50 0.88 -15.65 32.10
N ASN A 51 0.01 -15.84 31.08
CA ASN A 51 -0.52 -14.68 30.37
C ASN A 51 -1.93 -14.99 29.91
N PRO A 52 -2.94 -14.37 30.51
CA PRO A 52 -4.33 -14.71 30.16
C PRO A 52 -4.69 -14.39 28.72
N ALA A 53 -3.98 -13.47 28.08
CA ALA A 53 -4.14 -13.19 26.65
C ALA A 53 -3.59 -14.32 25.80
N SER A 54 -2.83 -15.23 26.38
CA SER A 54 -2.36 -16.43 25.68
C SER A 54 -1.52 -16.07 24.46
N LYS A 55 -0.61 -15.11 24.63
CA LYS A 55 0.29 -14.70 23.58
C LYS A 55 1.71 -14.63 24.14
N VAL A 56 2.67 -14.80 23.24
CA VAL A 56 4.05 -14.44 23.50
C VAL A 56 4.32 -13.05 22.89
N PRO A 57 5.27 -12.32 23.47
CA PRO A 57 6.09 -12.73 24.62
C PRO A 57 5.47 -12.47 25.96
N ALA A 58 6.02 -13.14 26.96
CA ALA A 58 5.65 -12.87 28.34
C ALA A 58 6.85 -13.26 29.16
N ILE A 59 7.00 -12.63 30.30
CA ILE A 59 8.12 -12.86 31.20
C ILE A 59 7.57 -13.20 32.59
N ALA A 60 8.24 -14.14 33.24
CA ALA A 60 8.07 -14.37 34.66
C ALA A 60 9.32 -13.85 35.36
N TYR A 61 9.12 -12.98 36.34
CA TYR A 61 10.23 -12.26 36.98
C TYR A 61 10.33 -12.59 38.46
N GLY A 62 11.52 -13.00 38.88
CA GLY A 62 11.79 -13.30 40.28
C GLY A 62 11.14 -14.61 40.72
N GLY A 63 10.91 -14.70 42.02
CA GLY A 63 10.36 -15.89 42.63
C GLY A 63 11.35 -17.04 42.71
N PRO A 64 10.86 -18.19 43.13
CA PRO A 64 11.74 -19.34 43.31
C PRO A 64 12.17 -19.93 41.98
N HIS A 65 13.28 -20.65 42.02
CA HIS A 65 13.70 -21.49 40.90
C HIS A 65 12.72 -22.66 40.70
N VAL A 66 12.03 -22.66 39.57
CA VAL A 66 11.08 -23.71 39.18
C VAL A 66 11.29 -24.06 37.70
N PRO A 67 10.83 -25.24 37.30
CA PRO A 67 10.84 -25.54 35.88
C PRO A 67 9.94 -24.57 35.13
N PRO A 68 10.32 -24.16 33.92
CA PRO A 68 9.50 -23.14 33.21
C PRO A 68 8.12 -23.63 32.81
N ASP A 69 7.88 -24.94 32.71
CA ASP A 69 6.51 -25.39 32.48
C ASP A 69 5.68 -25.51 33.75
N GLN A 70 6.24 -25.14 34.88
CA GLN A 70 5.53 -25.07 36.15
C GLN A 70 5.84 -23.73 36.80
N PRO A 71 5.50 -22.63 36.12
CA PRO A 71 5.84 -21.31 36.64
C PRO A 71 5.25 -21.13 38.00
N SER A 72 6.00 -20.48 38.85
CA SER A 72 5.61 -20.22 40.23
C SER A 72 4.55 -19.12 40.31
N PRO A 73 3.56 -19.28 41.18
CA PRO A 73 2.66 -18.17 41.51
C PRO A 73 3.37 -16.96 42.05
N GLU A 74 4.56 -17.13 42.63
CA GLU A 74 5.23 -15.99 43.26
C GLU A 74 6.02 -15.15 42.29
N SER A 75 6.29 -15.62 41.08
CA SER A 75 6.93 -14.71 40.12
C SER A 75 5.93 -13.69 39.61
N ILE A 76 6.45 -12.50 39.31
CA ILE A 76 5.69 -11.45 38.64
C ILE A 76 5.58 -11.76 37.16
N LYS A 77 4.35 -11.85 36.65
CA LYS A 77 4.10 -12.10 35.24
C LYS A 77 3.95 -10.76 34.50
N LEU A 78 4.68 -10.64 33.40
CA LEU A 78 4.64 -9.43 32.58
C LEU A 78 4.45 -9.76 31.10
N ALA A 79 3.61 -8.98 30.43
CA ALA A 79 3.34 -9.19 29.02
C ALA A 79 3.42 -7.86 28.25
N GLU A 80 3.27 -7.96 26.93
CA GLU A 80 3.32 -6.86 25.92
C GLU A 80 4.74 -6.46 25.55
N SER A 81 5.11 -6.80 24.31
CA SER A 81 6.49 -6.71 23.86
C SER A 81 7.13 -5.34 24.12
N LEU A 82 6.46 -4.24 23.77
CA LEU A 82 7.08 -2.92 23.89
C LEU A 82 7.38 -2.60 25.35
N ILE A 83 6.48 -3.01 26.25
CA ILE A 83 6.69 -2.82 27.69
C ILE A 83 7.88 -3.65 28.14
N LEU A 84 7.90 -4.92 27.74
CA LEU A 84 8.99 -5.80 28.11
C LEU A 84 10.33 -5.25 27.63
N VAL A 85 10.36 -4.59 26.45
CA VAL A 85 11.60 -4.00 25.96
C VAL A 85 12.03 -2.85 26.88
N GLU A 86 11.10 -1.97 27.28
CA GLU A 86 11.43 -0.92 28.22
C GLU A 86 11.86 -1.51 29.55
N PHE A 87 11.21 -2.58 29.97
CA PHE A 87 11.54 -3.21 31.25
C PHE A 87 12.97 -3.75 31.22
N VAL A 88 13.35 -4.39 30.12
CA VAL A 88 14.72 -4.85 29.96
C VAL A 88 15.70 -3.68 29.95
N ALA A 89 15.36 -2.61 29.23
CA ALA A 89 16.24 -1.46 29.22
C ALA A 89 16.36 -0.86 30.61
N ASP A 90 15.28 -0.87 31.38
CA ASP A 90 15.36 -0.42 32.77
C ASP A 90 16.23 -1.35 33.59
N LEU A 91 16.04 -2.66 33.45
CA LEU A 91 16.78 -3.60 34.28
C LEU A 91 18.27 -3.59 33.95
N PHE A 92 18.66 -3.30 32.71
CA PHE A 92 20.05 -3.41 32.28
C PHE A 92 20.47 -2.10 31.65
N PRO A 93 20.63 -1.03 32.46
CA PRO A 93 20.94 0.30 31.88
C PRO A 93 22.18 0.34 31.02
N HIS A 94 23.17 -0.53 31.27
CA HIS A 94 24.36 -0.57 30.43
C HIS A 94 24.08 -1.09 29.04
N SER A 95 22.85 -1.56 28.76
CA SER A 95 22.45 -1.87 27.40
C SER A 95 22.38 -0.62 26.53
N HIS A 96 22.07 0.52 27.13
CA HIS A 96 21.91 1.80 26.43
C HIS A 96 20.72 1.79 25.47
N LEU A 97 19.75 0.91 25.73
CA LEU A 97 18.57 0.85 24.86
C LEU A 97 17.68 2.08 25.03
N LEU A 98 17.54 2.60 26.26
CA LEU A 98 16.79 3.81 26.51
C LEU A 98 17.73 4.99 26.60
N PRO A 99 17.66 5.97 25.71
CA PRO A 99 18.56 7.13 25.82
C PRO A 99 18.32 7.89 27.12
N HIS A 100 19.36 8.60 27.59
CA HIS A 100 19.23 9.35 28.82
C HIS A 100 18.46 10.63 28.62
N ASP A 101 18.76 11.35 27.54
CA ASP A 101 18.10 12.60 27.25
C ASP A 101 16.58 12.46 27.15
N PRO A 102 15.81 13.22 27.92
CA PRO A 102 14.35 13.10 27.84
C PRO A 102 13.77 13.32 26.46
N VAL A 103 14.38 14.24 25.71
CA VAL A 103 13.92 14.48 24.35
C VAL A 103 14.18 13.27 23.46
N LYS A 104 15.39 12.69 23.53
CA LYS A 104 15.65 11.56 22.66
C LYS A 104 14.77 10.38 23.02
N ARG A 105 14.41 10.24 24.30
CA ARG A 105 13.48 9.16 24.67
C ARG A 105 12.12 9.39 24.03
N ALA A 106 11.63 10.63 24.07
CA ALA A 106 10.32 10.91 23.49
C ALA A 106 10.35 10.67 21.99
N GLN A 107 11.44 11.07 21.34
CA GLN A 107 11.63 10.82 19.90
C GLN A 107 11.72 9.32 19.61
N ALA A 108 12.46 8.56 20.42
CA ALA A 108 12.52 7.12 20.18
C ALA A 108 11.15 6.51 20.28
N ARG A 109 10.36 6.96 21.25
CA ARG A 109 9.03 6.39 21.45
C ARG A 109 8.07 6.85 20.36
N PHE A 110 8.23 8.08 19.89
CA PHE A 110 7.44 8.54 18.77
C PHE A 110 7.69 7.67 17.54
N PHE A 111 8.96 7.35 17.27
CA PHE A 111 9.25 6.42 16.19
C PHE A 111 8.55 5.08 16.40
N ILE A 112 8.55 4.56 17.65
CA ILE A 112 7.82 3.32 17.95
C ILE A 112 6.33 3.48 17.64
N ASP A 113 5.77 4.65 17.95
CA ASP A 113 4.36 4.84 17.63
C ASP A 113 4.10 4.75 16.12
N GLY A 114 5.05 5.23 15.31
CA GLY A 114 4.91 5.10 13.86
C GLY A 114 5.05 3.66 13.41
N VAL A 115 5.93 2.91 14.08
CA VAL A 115 6.04 1.48 13.80
C VAL A 115 4.73 0.78 14.12
N SER A 116 4.15 1.10 15.28
CA SER A 116 2.90 0.45 15.69
C SER A 116 1.72 0.84 14.81
N THR A 117 1.59 2.14 14.50
CA THR A 117 0.37 2.64 13.90
C THR A 117 0.46 2.79 12.40
N LYS A 118 1.65 2.84 11.83
CA LYS A 118 1.80 2.97 10.39
C LYS A 118 2.47 1.76 9.76
N PHE A 119 3.71 1.45 10.13
CA PHE A 119 4.45 0.41 9.41
C PHE A 119 3.79 -0.97 9.53
N ILE A 120 3.51 -1.42 10.74
CA ILE A 120 3.06 -2.79 10.95
C ILE A 120 1.68 -2.99 10.32
N PRO A 121 0.72 -2.11 10.55
CA PRO A 121 -0.56 -2.28 9.86
C PRO A 121 -0.43 -2.27 8.37
N ALA A 122 0.42 -1.42 7.81
CA ALA A 122 0.51 -1.31 6.35
C ALA A 122 1.23 -2.52 5.77
N TRP A 123 2.21 -3.04 6.48
CA TRP A 123 2.86 -4.29 6.07
C TRP A 123 1.90 -5.46 6.14
N HIS A 124 1.14 -5.56 7.24
CA HIS A 124 0.14 -6.63 7.34
C HIS A 124 -0.83 -6.58 6.17
N ALA A 125 -1.40 -5.39 5.90
CA ALA A 125 -2.42 -5.22 4.87
C ALA A 125 -1.87 -5.52 3.48
N PHE A 126 -0.62 -5.17 3.25
CA PHE A 126 -0.07 -5.32 1.89
C PHE A 126 0.43 -6.73 1.68
N SER A 127 1.06 -7.30 2.69
CA SER A 127 1.53 -8.67 2.59
C SER A 127 0.39 -9.66 2.49
N GLN A 128 -0.81 -9.29 2.96
CA GLN A 128 -1.93 -10.23 2.95
C GLN A 128 -2.84 -10.03 1.73
N GLY A 129 -2.45 -9.15 0.82
CA GLY A 129 -3.20 -8.88 -0.41
C GLY A 129 -4.37 -7.95 -0.25
N LYS A 130 -4.44 -7.18 0.84
CA LYS A 130 -5.62 -6.38 1.15
C LYS A 130 -5.53 -4.98 0.60
N SER A 131 -4.32 -4.42 0.51
CA SER A 131 -4.09 -3.02 0.18
C SER A 131 -3.12 -2.88 -0.99
N SER A 132 -2.72 -1.66 -1.28
CA SER A 132 -1.83 -1.40 -2.41
C SER A 132 -0.36 -1.32 -1.94
N GLU A 133 0.54 -1.62 -2.86
CA GLU A 133 1.96 -1.39 -2.66
C GLU A 133 2.25 0.06 -2.27
N GLU A 134 1.58 1.01 -2.92
CA GLU A 134 1.80 2.43 -2.60
C GLU A 134 1.44 2.73 -1.14
N ASP A 135 0.38 2.12 -0.62
CA ASP A 135 0.03 2.32 0.79
C ASP A 135 1.16 1.86 1.70
N PHE A 136 1.82 0.76 1.36
CA PHE A 136 2.93 0.29 2.20
C PHE A 136 4.13 1.22 2.08
N LEU A 137 4.47 1.64 0.86
CA LEU A 137 5.64 2.50 0.67
C LEU A 137 5.46 3.86 1.36
N THR A 138 4.25 4.41 1.31
CA THR A 138 3.95 5.65 2.00
C THR A 138 4.17 5.53 3.51
N ALA A 139 3.72 4.43 4.12
CA ALA A 139 3.93 4.28 5.54
C ALA A 139 5.41 4.15 5.87
N VAL A 140 6.16 3.46 5.03
CA VAL A 140 7.60 3.44 5.24
C VAL A 140 8.18 4.85 5.13
N GLU A 141 7.68 5.64 4.17
CA GLU A 141 8.21 6.99 4.01
C GLU A 141 7.98 7.82 5.25
N HIS A 142 6.88 7.56 5.96
CA HIS A 142 6.67 8.21 7.24
C HIS A 142 7.85 7.95 8.20
N LEU A 143 8.23 6.68 8.36
CA LEU A 143 9.39 6.38 9.19
C LEU A 143 10.65 6.99 8.63
N GLN A 144 10.82 6.91 7.33
CA GLN A 144 12.04 7.46 6.76
C GLN A 144 12.20 8.93 7.14
N ALA A 145 11.10 9.68 7.12
CA ALA A 145 11.16 11.13 7.34
C ALA A 145 11.59 11.46 8.75
N LEU A 146 11.44 10.49 9.66
CA LEU A 146 11.88 10.64 11.04
C LEU A 146 13.36 10.36 11.22
N LEU A 147 14.01 9.76 10.23
CA LEU A 147 15.35 9.30 10.45
C LEU A 147 16.32 10.48 10.40
N PRO A 148 17.36 10.46 11.21
CA PRO A 148 18.42 11.46 11.10
C PRO A 148 19.34 11.11 9.94
N GLU A 149 20.26 12.05 9.66
CA GLU A 149 21.10 11.95 8.49
C GLU A 149 21.90 10.66 8.45
N SER A 150 22.37 10.19 9.61
CA SER A 150 23.07 8.92 9.72
C SER A 150 22.67 8.22 11.02
N GLY A 151 22.92 6.92 11.06
CA GLY A 151 22.65 6.16 12.26
C GLY A 151 21.28 5.51 12.26
N PHE A 152 20.82 5.19 13.46
CA PHE A 152 19.56 4.51 13.70
C PHE A 152 18.46 5.52 13.98
N ALA A 153 17.29 5.05 14.42
CA ALA A 153 16.10 5.90 14.46
C ALA A 153 16.35 7.22 15.18
N VAL A 154 17.14 7.21 16.27
CA VAL A 154 17.48 8.49 16.89
C VAL A 154 18.99 8.63 17.03
N GLY A 155 19.74 8.07 16.10
CA GLY A 155 21.19 8.14 16.17
C GLY A 155 21.79 6.87 16.71
N ALA A 156 22.07 6.85 18.01
CA ALA A 156 22.42 5.62 18.70
C ALA A 156 21.26 4.64 18.63
N TYR A 157 21.59 3.39 18.34
CA TYR A 157 20.67 2.27 18.51
C TYR A 157 19.85 2.42 19.79
N SER A 158 18.56 2.11 19.70
CA SER A 158 17.65 2.29 20.81
C SER A 158 16.49 1.31 20.72
N ILE A 159 15.56 1.43 21.67
CA ILE A 159 14.32 0.66 21.65
C ILE A 159 13.55 0.89 20.36
N ALA A 160 13.70 2.07 19.74
CA ALA A 160 12.96 2.31 18.52
C ALA A 160 13.35 1.30 17.46
N ASP A 161 14.65 1.00 17.35
CA ASP A 161 15.12 0.05 16.37
C ASP A 161 14.71 -1.38 16.76
N VAL A 162 14.72 -1.68 18.06
CA VAL A 162 14.23 -2.98 18.55
C VAL A 162 12.82 -3.24 18.06
N ALA A 163 11.96 -2.23 18.18
CA ALA A 163 10.56 -2.42 17.91
C ALA A 163 10.33 -2.80 16.46
N LEU A 164 11.14 -2.24 15.54
CA LEU A 164 10.88 -2.40 14.11
C LEU A 164 11.57 -3.62 13.51
N THR A 165 12.80 -3.91 13.93
CA THR A 165 13.63 -4.88 13.21
C THR A 165 12.98 -6.25 13.00
N PRO A 166 12.32 -6.87 13.98
CA PRO A 166 11.73 -8.21 13.74
C PRO A 166 10.75 -8.24 12.58
N PHE A 167 9.96 -7.19 12.44
CA PHE A 167 8.99 -7.10 11.34
C PHE A 167 9.67 -6.86 10.00
N LEU A 168 10.75 -6.07 10.00
CA LEU A 168 11.55 -5.87 8.80
C LEU A 168 12.21 -7.17 8.37
N GLY A 169 12.80 -7.88 9.32
CA GLY A 169 13.40 -9.15 8.99
C GLY A 169 12.41 -10.12 8.38
N ARG A 170 11.20 -10.15 8.91
CA ARG A 170 10.22 -11.09 8.36
C ARG A 170 9.68 -10.61 7.02
N ALA A 171 9.51 -9.30 6.85
CA ALA A 171 9.06 -8.81 5.56
C ALA A 171 10.01 -9.25 4.48
N ARG A 172 11.30 -9.15 4.75
CA ARG A 172 12.31 -9.51 3.78
C ARG A 172 12.14 -10.94 3.28
N VAL A 173 11.88 -11.88 4.21
CA VAL A 173 11.65 -13.27 3.83
C VAL A 173 10.42 -13.36 2.95
N THR A 174 9.33 -12.76 3.40
CA THR A 174 8.10 -12.80 2.64
C THR A 174 8.33 -12.29 1.23
N LEU A 175 9.04 -11.16 1.10
CA LEU A 175 9.21 -10.52 -0.21
C LEU A 175 10.24 -11.24 -1.05
N LYS A 176 11.39 -11.57 -0.44
CA LYS A 176 12.43 -12.27 -1.16
C LYS A 176 11.91 -13.57 -1.76
N GLU A 177 11.03 -14.24 -1.05
CA GLU A 177 10.54 -15.55 -1.45
C GLU A 177 9.25 -15.51 -2.25
N ASP A 178 8.82 -14.33 -2.70
CA ASP A 178 7.59 -14.22 -3.50
C ASP A 178 6.38 -14.74 -2.75
N LEU A 179 6.33 -14.56 -1.44
CA LEU A 179 5.21 -15.06 -0.64
C LEU A 179 4.20 -13.97 -0.33
N GLY A 180 4.20 -12.87 -1.09
CA GLY A 180 3.33 -11.77 -0.78
C GLY A 180 2.03 -11.71 -1.53
N GLY A 181 1.70 -12.74 -2.30
CA GLY A 181 0.48 -12.80 -3.07
C GLY A 181 0.49 -12.07 -4.40
N TYR A 182 1.65 -11.61 -4.87
CA TYR A 182 1.76 -11.00 -6.17
C TYR A 182 2.63 -11.86 -7.07
N PRO A 183 2.55 -11.67 -8.39
CA PRO A 183 3.23 -12.58 -9.30
C PRO A 183 4.73 -12.64 -9.06
N ARG A 184 5.32 -13.72 -9.53
CA ARG A 184 6.75 -13.96 -9.32
C ARG A 184 7.56 -12.72 -9.72
N GLY A 185 8.38 -12.25 -8.80
CA GLY A 185 9.28 -11.14 -9.03
C GLY A 185 8.81 -9.81 -8.47
N GLU A 186 7.51 -9.66 -8.17
CA GLU A 186 7.03 -8.40 -7.61
C GLU A 186 7.51 -8.21 -6.17
N GLY A 187 7.48 -9.28 -5.38
CA GLY A 187 7.96 -9.22 -4.02
C GLY A 187 9.39 -8.76 -3.96
N PRO A 188 10.26 -9.45 -4.68
CA PRO A 188 11.64 -9.01 -4.78
C PRO A 188 11.84 -7.58 -5.25
N ARG A 189 11.02 -7.08 -6.19
CA ARG A 189 11.19 -5.69 -6.63
C ARG A 189 10.87 -4.73 -5.48
N VAL A 190 9.82 -5.03 -4.73
CA VAL A 190 9.48 -4.20 -3.58
C VAL A 190 10.57 -4.29 -2.52
N LEU A 191 11.16 -5.49 -2.35
CA LEU A 191 12.27 -5.63 -1.40
C LEU A 191 13.42 -4.71 -1.78
N ALA A 192 13.69 -4.62 -3.09
CA ALA A 192 14.75 -3.75 -3.57
C ALA A 192 14.44 -2.29 -3.28
N VAL A 193 13.20 -1.87 -3.57
CA VAL A 193 12.81 -0.51 -3.23
C VAL A 193 13.11 -0.24 -1.76
N LEU A 194 12.78 -1.21 -0.91
CA LEU A 194 12.83 -1.04 0.53
C LEU A 194 14.26 -1.00 1.06
N THR A 195 15.16 -1.77 0.47
CA THR A 195 16.45 -2.02 1.08
C THR A 195 17.65 -1.72 0.16
N SER A 196 17.43 -1.27 -1.07
CA SER A 196 18.53 -1.04 -1.99
C SER A 196 19.43 0.08 -1.50
N GLY A 197 18.84 1.09 -0.87
CA GLY A 197 19.57 2.30 -0.55
C GLY A 197 19.52 3.36 -1.65
N THR A 198 18.69 3.18 -2.66
CA THR A 198 18.55 4.17 -3.73
C THR A 198 17.07 4.35 -4.01
N GLY A 199 16.70 5.52 -4.50
CA GLY A 199 15.33 5.77 -4.88
C GLY A 199 14.57 6.53 -3.82
N ARG A 200 13.24 6.41 -3.92
CA ARG A 200 12.36 7.12 -3.00
C ARG A 200 12.63 6.73 -1.56
N LEU A 201 13.22 5.53 -1.36
CA LEU A 201 13.46 5.02 -0.02
C LEU A 201 14.94 4.75 0.21
N ALA A 202 15.80 5.63 -0.37
CA ALA A 202 17.24 5.47 -0.26
C ALA A 202 17.68 5.45 1.19
N ARG A 203 17.23 6.44 1.98
CA ARG A 203 17.72 6.60 3.33
C ARG A 203 17.23 5.47 4.23
N PHE A 204 15.95 5.12 4.10
CA PHE A 204 15.41 3.99 4.83
C PHE A 204 16.16 2.70 4.45
N GLY A 205 16.48 2.55 3.16
CA GLY A 205 17.25 1.40 2.72
C GLY A 205 18.55 1.26 3.49
N LYS A 206 19.32 2.34 3.58
CA LYS A 206 20.53 2.33 4.39
C LYS A 206 20.22 1.89 5.83
N TYR A 207 19.24 2.54 6.45
CA TYR A 207 18.83 2.20 7.81
C TYR A 207 18.48 0.71 7.90
N ALA A 208 17.69 0.22 6.95
CA ALA A 208 17.24 -1.16 6.98
C ALA A 208 18.43 -2.13 6.90
N GLN A 209 19.37 -1.85 5.99
CA GLN A 209 20.61 -2.62 5.94
C GLN A 209 21.25 -2.69 7.32
N ASP A 210 21.24 -1.55 8.03
CA ASP A 210 21.93 -1.48 9.32
C ASP A 210 21.19 -2.27 10.37
N LEU A 211 19.85 -2.29 10.29
CA LEU A 211 19.04 -3.02 11.25
C LEU A 211 19.25 -4.52 11.09
N LEU A 212 19.22 -5.00 9.84
CA LEU A 212 19.40 -6.41 9.55
C LEU A 212 20.82 -6.88 9.78
N ALA A 213 21.80 -5.98 9.73
CA ALA A 213 23.18 -6.33 10.03
C ALA A 213 23.47 -6.38 11.52
N ARG A 214 22.61 -5.81 12.36
CA ARG A 214 22.89 -5.71 13.79
C ARG A 214 23.03 -7.10 14.38
N GLU A 215 24.04 -7.30 15.24
CA GLU A 215 24.30 -8.65 15.75
C GLU A 215 23.10 -9.21 16.51
N SER A 216 22.46 -8.40 17.35
CA SER A 216 21.34 -8.87 18.14
C SER A 216 20.20 -9.37 17.27
N PHE A 217 19.98 -8.75 16.11
CA PHE A 217 18.92 -9.26 15.26
C PHE A 217 19.29 -10.62 14.70
N GLN A 218 20.47 -10.71 14.08
CA GLN A 218 20.92 -11.96 13.47
C GLN A 218 20.96 -13.09 14.49
N ALA A 219 21.42 -12.79 15.71
CA ALA A 219 21.56 -13.83 16.72
C ALA A 219 20.22 -14.36 17.23
N THR A 220 19.12 -13.63 17.02
CA THR A 220 17.83 -14.05 17.54
C THR A 220 16.85 -14.35 16.44
N PHE A 221 17.35 -14.59 15.23
CA PHE A 221 16.52 -14.75 14.03
C PHE A 221 16.94 -16.07 13.36
N ASP A 222 16.05 -17.06 13.40
CA ASP A 222 16.32 -18.32 12.71
C ASP A 222 15.78 -18.21 11.28
N GLU A 223 16.62 -17.67 10.39
CA GLU A 223 16.15 -17.38 9.04
C GLU A 223 15.69 -18.65 8.33
N ALA A 224 16.42 -19.76 8.52
CA ALA A 224 16.02 -21.01 7.90
C ALA A 224 14.64 -21.44 8.38
N TYR A 225 14.41 -21.34 9.69
CA TYR A 225 13.13 -21.76 10.23
C TYR A 225 12.01 -20.86 9.73
N ILE A 226 12.24 -19.54 9.72
CA ILE A 226 11.18 -18.62 9.32
C ILE A 226 10.82 -18.86 7.86
N THR A 227 11.85 -18.97 7.02
CA THR A 227 11.62 -19.18 5.60
C THR A 227 10.79 -20.44 5.38
N GLU A 228 11.17 -21.53 6.05
CA GLU A 228 10.40 -22.78 5.98
C GLU A 228 8.94 -22.58 6.39
N ARG A 229 8.71 -21.95 7.54
CA ARG A 229 7.31 -21.80 7.98
C ARG A 229 6.54 -20.90 7.02
N TYR A 230 7.17 -19.84 6.53
CA TYR A 230 6.46 -18.93 5.64
C TYR A 230 6.12 -19.58 4.32
N LYS A 231 7.05 -20.34 3.74
CA LYS A 231 6.73 -21.08 2.51
C LYS A 231 5.55 -22.02 2.73
N ALA A 232 5.58 -22.80 3.80
CA ALA A 232 4.53 -23.79 4.04
C ALA A 232 3.18 -23.13 4.21
N ARG A 233 3.11 -22.04 4.97
CA ARG A 233 1.84 -21.34 5.12
C ARG A 233 1.31 -20.86 3.78
N PHE A 234 2.17 -20.19 2.99
CA PHE A 234 1.71 -19.70 1.68
C PHE A 234 1.15 -20.85 0.85
N ALA A 235 1.82 -22.00 0.90
CA ALA A 235 1.43 -23.15 0.10
C ALA A 235 0.00 -23.60 0.41
N ASP A 236 -0.50 -23.34 1.63
CA ASP A 236 -1.91 -23.62 1.94
C ASP A 236 -2.89 -22.67 1.21
N PRO B 2 -23.89 -9.53 -26.97
CA PRO B 2 -22.74 -9.73 -26.10
C PRO B 2 -23.06 -10.57 -24.87
N GLU B 3 -22.06 -11.27 -24.39
CA GLU B 3 -22.22 -12.10 -23.21
C GLU B 3 -22.20 -11.24 -21.95
N ARG B 4 -22.50 -11.87 -20.82
CA ARG B 4 -22.56 -11.19 -19.55
C ARG B 4 -21.24 -10.44 -19.30
N ILE B 5 -21.34 -9.27 -18.68
CA ILE B 5 -20.17 -8.45 -18.34
C ILE B 5 -20.19 -8.18 -16.84
N THR B 6 -19.14 -8.59 -16.15
CA THR B 6 -18.94 -8.19 -14.76
C THR B 6 -17.71 -7.29 -14.68
N LEU B 7 -17.92 -6.04 -14.30
CA LEU B 7 -16.85 -5.06 -14.12
C LEU B 7 -16.48 -4.98 -12.65
N TYR B 8 -15.21 -5.21 -12.35
CA TYR B 8 -14.65 -4.99 -11.02
C TYR B 8 -14.01 -3.61 -11.02
N THR B 9 -14.55 -2.72 -10.20
CA THR B 9 -14.19 -1.31 -10.25
C THR B 9 -14.06 -0.74 -8.84
N ALA B 10 -13.70 0.54 -8.78
CA ALA B 10 -13.52 1.26 -7.53
C ALA B 10 -13.80 2.71 -7.81
N LYS B 11 -14.54 3.37 -6.90
CA LYS B 11 -14.89 4.78 -7.08
C LYS B 11 -13.65 5.67 -7.16
N ILE B 12 -12.63 5.37 -6.35
CA ILE B 12 -11.48 6.25 -6.27
C ILE B 12 -10.64 6.24 -7.54
N CYS B 13 -10.80 5.22 -8.39
CA CYS B 13 -9.82 4.90 -9.43
C CYS B 13 -10.16 5.56 -10.76
N PRO B 14 -9.33 6.49 -11.27
CA PRO B 14 -9.62 7.06 -12.60
C PRO B 14 -9.50 6.04 -13.73
N PHE B 15 -8.58 5.08 -13.66
CA PHE B 15 -8.47 4.03 -14.67
C PHE B 15 -9.77 3.22 -14.77
N ALA B 16 -10.34 2.87 -13.63
CA ALA B 16 -11.58 2.09 -13.62
C ALA B 16 -12.74 2.90 -14.16
N GLN B 17 -12.80 4.18 -13.79
CA GLN B 17 -13.86 5.02 -14.32
C GLN B 17 -13.85 5.07 -15.84
N ARG B 18 -12.67 4.98 -16.46
CA ARG B 18 -12.64 4.87 -17.92
C ARG B 18 -13.64 3.83 -18.40
N VAL B 19 -13.62 2.64 -17.79
CA VAL B 19 -14.50 1.57 -18.25
C VAL B 19 -15.94 1.86 -17.84
N GLU B 20 -16.14 2.48 -16.68
CA GLU B 20 -17.51 2.84 -16.29
C GLU B 20 -18.09 3.82 -17.31
N ILE B 21 -17.32 4.87 -17.64
CA ILE B 21 -17.73 5.83 -18.66
C ILE B 21 -18.07 5.11 -19.97
N ALA B 22 -17.19 4.19 -20.41
CA ALA B 22 -17.43 3.51 -21.68
C ALA B 22 -18.73 2.73 -21.66
N LEU B 23 -19.00 1.98 -20.58
CA LEU B 23 -20.23 1.20 -20.54
C LEU B 23 -21.44 2.14 -20.58
N HIS B 24 -21.36 3.27 -19.88
CA HIS B 24 -22.44 4.25 -19.90
C HIS B 24 -22.69 4.79 -21.30
N GLU B 25 -21.62 5.26 -21.98
CA GLU B 25 -21.78 5.75 -23.34
C GLU B 25 -22.39 4.69 -24.25
N ALA B 26 -22.13 3.41 -23.98
CA ALA B 26 -22.71 2.30 -24.73
C ALA B 26 -24.11 1.94 -24.29
N LYS B 27 -24.64 2.57 -23.24
CA LYS B 27 -25.93 2.19 -22.68
C LYS B 27 -26.01 0.70 -22.37
N ALA B 28 -24.87 0.10 -21.96
CA ALA B 28 -24.82 -1.34 -21.69
C ALA B 28 -25.25 -1.54 -20.25
N HIS B 29 -26.57 -1.61 -20.06
CA HIS B 29 -27.14 -1.80 -18.73
C HIS B 29 -27.61 -3.21 -18.50
N HIS B 30 -28.12 -3.85 -19.54
CA HIS B 30 -28.66 -5.18 -19.40
C HIS B 30 -27.55 -6.21 -19.37
N ASN B 31 -27.64 -7.14 -18.43
CA ASN B 31 -26.67 -8.23 -18.26
C ASN B 31 -25.26 -7.69 -17.99
N VAL B 32 -25.20 -6.53 -17.35
CA VAL B 32 -23.95 -5.86 -17.02
C VAL B 32 -24.01 -5.53 -15.54
N GLU B 33 -23.00 -5.96 -14.82
CA GLU B 33 -22.97 -5.86 -13.37
C GLU B 33 -21.67 -5.20 -12.95
N GLN B 34 -21.76 -4.29 -11.99
CA GLN B 34 -20.58 -3.64 -11.42
C GLN B 34 -20.45 -4.02 -9.96
N PHE B 35 -19.21 -4.33 -9.56
CA PHE B 35 -18.87 -4.77 -8.21
C PHE B 35 -17.71 -3.94 -7.69
N GLN B 36 -17.87 -3.31 -6.53
CA GLN B 36 -16.86 -2.38 -6.03
C GLN B 36 -15.78 -3.13 -5.27
N ILE B 37 -14.52 -2.89 -5.63
CA ILE B 37 -13.40 -3.38 -4.86
C ILE B 37 -12.89 -2.26 -3.96
N ASP B 38 -12.84 -2.53 -2.67
CA ASP B 38 -12.27 -1.63 -1.66
C ASP B 38 -10.77 -1.82 -1.73
N LEU B 39 -10.07 -0.85 -2.33
CA LEU B 39 -8.63 -0.99 -2.53
C LEU B 39 -7.85 -0.96 -1.22
N GLN B 40 -8.47 -0.56 -0.13
CA GLN B 40 -7.86 -0.73 1.19
C GLN B 40 -8.12 -2.11 1.77
N ASN B 41 -9.07 -2.85 1.21
CA ASN B 41 -9.55 -4.08 1.84
C ASN B 41 -10.01 -5.05 0.74
N LYS B 42 -9.03 -5.51 -0.05
CA LYS B 42 -9.31 -6.27 -1.27
C LYS B 42 -9.69 -7.71 -0.92
N PRO B 43 -10.73 -8.26 -1.54
CA PRO B 43 -11.12 -9.64 -1.24
C PRO B 43 -10.00 -10.61 -1.57
N GLU B 44 -9.93 -11.68 -0.77
CA GLU B 44 -8.89 -12.69 -0.90
C GLU B 44 -8.99 -13.43 -2.24
N TRP B 45 -10.19 -13.53 -2.81
CA TRP B 45 -10.40 -14.18 -4.10
C TRP B 45 -10.12 -13.27 -5.29
N TYR B 46 -9.99 -11.96 -5.08
CA TYR B 46 -9.89 -11.06 -6.23
C TYR B 46 -8.67 -11.39 -7.07
N ALA B 47 -7.50 -11.40 -6.46
CA ALA B 47 -6.29 -11.62 -7.24
C ALA B 47 -6.20 -13.04 -7.77
N PRO B 48 -6.49 -14.08 -6.97
CA PRO B 48 -6.35 -15.43 -7.51
C PRO B 48 -7.35 -15.74 -8.59
N LYS B 49 -8.56 -15.21 -8.50
CA LYS B 49 -9.63 -15.63 -9.39
C LYS B 49 -9.95 -14.64 -10.52
N VAL B 50 -9.58 -13.36 -10.40
CA VAL B 50 -10.00 -12.34 -11.37
C VAL B 50 -8.81 -11.67 -12.04
N ASN B 51 -7.88 -11.12 -11.26
CA ASN B 51 -6.78 -10.34 -11.79
C ASN B 51 -5.60 -10.52 -10.86
N PRO B 52 -4.61 -11.33 -11.23
CA PRO B 52 -3.43 -11.50 -10.38
C PRO B 52 -2.66 -10.20 -10.08
N ALA B 53 -2.78 -9.18 -10.92
CA ALA B 53 -2.16 -7.89 -10.64
C ALA B 53 -2.83 -7.22 -9.46
N SER B 54 -3.97 -7.73 -9.03
CA SER B 54 -4.67 -7.19 -7.88
C SER B 54 -4.95 -5.71 -8.08
N LYS B 55 -5.37 -5.34 -9.31
CA LYS B 55 -5.75 -3.97 -9.64
C LYS B 55 -7.14 -3.93 -10.29
N VAL B 56 -7.82 -2.79 -10.12
CA VAL B 56 -9.00 -2.48 -10.90
C VAL B 56 -8.58 -1.51 -12.02
N PRO B 57 -9.30 -1.50 -13.14
CA PRO B 57 -10.47 -2.31 -13.44
C PRO B 57 -10.17 -3.69 -13.97
N ALA B 58 -11.12 -4.61 -13.84
CA ALA B 58 -11.02 -5.91 -14.45
C ALA B 58 -12.44 -6.31 -14.85
N ILE B 59 -12.56 -7.08 -15.94
CA ILE B 59 -13.84 -7.61 -16.37
C ILE B 59 -13.76 -9.12 -16.39
N ALA B 60 -14.83 -9.77 -15.93
CA ALA B 60 -15.10 -11.18 -16.22
C ALA B 60 -16.20 -11.25 -17.27
N TYR B 61 -15.91 -11.92 -18.37
CA TYR B 61 -16.80 -11.93 -19.53
C TYR B 61 -17.35 -13.33 -19.77
N GLY B 62 -18.67 -13.43 -19.82
CA GLY B 62 -19.38 -14.64 -20.17
C GLY B 62 -19.34 -15.71 -19.09
N GLY B 63 -19.52 -16.95 -19.52
CA GLY B 63 -19.56 -18.05 -18.58
C GLY B 63 -20.89 -18.13 -17.85
N PRO B 64 -20.98 -18.98 -16.83
CA PRO B 64 -22.23 -19.10 -16.07
C PRO B 64 -22.57 -17.81 -15.35
N HIS B 65 -23.85 -17.65 -15.04
CA HIS B 65 -24.27 -16.59 -14.14
C HIS B 65 -23.88 -16.98 -12.72
N VAL B 66 -23.08 -16.14 -12.08
CA VAL B 66 -22.63 -16.38 -10.72
C VAL B 66 -22.62 -15.06 -9.97
N PRO B 67 -22.75 -15.11 -8.65
CA PRO B 67 -22.52 -13.91 -7.85
C PRO B 67 -21.15 -13.34 -8.16
N PRO B 68 -21.02 -12.02 -8.23
CA PRO B 68 -19.75 -11.42 -8.67
C PRO B 68 -18.58 -11.68 -7.74
N ASP B 69 -18.81 -12.04 -6.48
CA ASP B 69 -17.73 -12.43 -5.59
C ASP B 69 -17.49 -13.94 -5.55
N GLN B 70 -18.16 -14.72 -6.41
CA GLN B 70 -17.77 -16.10 -6.70
C GLN B 70 -17.55 -16.27 -8.20
N PRO B 71 -16.56 -15.56 -8.76
CA PRO B 71 -16.35 -15.65 -10.20
C PRO B 71 -16.10 -17.07 -10.64
N SER B 72 -16.62 -17.41 -11.79
CA SER B 72 -16.44 -18.72 -12.36
C SER B 72 -15.09 -18.80 -13.06
N PRO B 73 -14.46 -19.97 -13.07
CA PRO B 73 -13.25 -20.12 -13.90
C PRO B 73 -13.54 -20.04 -15.39
N GLU B 74 -14.79 -20.18 -15.82
CA GLU B 74 -15.10 -20.27 -17.24
C GLU B 74 -15.20 -18.89 -17.89
N SER B 75 -15.47 -17.85 -17.11
CA SER B 75 -15.51 -16.50 -17.67
C SER B 75 -14.13 -16.06 -18.11
N ILE B 76 -14.08 -15.34 -19.22
CA ILE B 76 -12.83 -14.74 -19.66
C ILE B 76 -12.52 -13.57 -18.74
N LYS B 77 -11.31 -13.55 -18.20
CA LYS B 77 -10.85 -12.43 -17.38
C LYS B 77 -10.03 -11.47 -18.21
N LEU B 78 -10.40 -10.19 -18.16
CA LEU B 78 -9.71 -9.18 -18.93
C LEU B 78 -9.31 -8.01 -18.03
N ALA B 79 -8.18 -7.38 -18.32
CA ALA B 79 -7.76 -6.22 -17.55
C ALA B 79 -7.07 -5.18 -18.44
N GLU B 80 -6.68 -4.08 -17.80
CA GLU B 80 -6.07 -2.88 -18.40
C GLU B 80 -7.14 -1.95 -18.99
N SER B 81 -7.27 -0.78 -18.36
CA SER B 81 -8.42 0.10 -18.59
C SER B 81 -8.58 0.45 -20.08
N LEU B 82 -7.49 0.84 -20.75
CA LEU B 82 -7.60 1.26 -22.15
C LEU B 82 -8.07 0.10 -23.02
N ILE B 83 -7.61 -1.12 -22.70
CA ILE B 83 -8.04 -2.29 -23.44
C ILE B 83 -9.52 -2.54 -23.21
N LEU B 84 -9.97 -2.40 -21.96
CA LEU B 84 -11.38 -2.62 -21.66
C LEU B 84 -12.28 -1.60 -22.34
N VAL B 85 -11.85 -0.33 -22.39
CA VAL B 85 -12.61 0.70 -23.12
C VAL B 85 -12.81 0.29 -24.56
N GLU B 86 -11.74 -0.14 -25.24
CA GLU B 86 -11.88 -0.57 -26.62
C GLU B 86 -12.69 -1.85 -26.71
N PHE B 87 -12.60 -2.71 -25.70
CA PHE B 87 -13.44 -3.90 -25.67
C PHE B 87 -14.90 -3.51 -25.68
N VAL B 88 -15.26 -2.54 -24.84
CA VAL B 88 -16.65 -2.08 -24.84
C VAL B 88 -16.98 -1.48 -26.20
N ALA B 89 -16.08 -0.67 -26.76
CA ALA B 89 -16.34 -0.06 -28.06
C ALA B 89 -16.57 -1.13 -29.11
N ASP B 90 -15.86 -2.25 -28.99
CA ASP B 90 -15.95 -3.33 -29.97
C ASP B 90 -17.25 -4.14 -29.79
N LEU B 91 -17.63 -4.45 -28.54
CA LEU B 91 -18.90 -5.13 -28.27
C LEU B 91 -20.13 -4.28 -28.66
N PHE B 92 -20.03 -2.94 -28.56
CA PHE B 92 -21.17 -2.03 -28.71
C PHE B 92 -20.88 -0.96 -29.77
N PRO B 93 -20.72 -1.36 -31.03
CA PRO B 93 -20.31 -0.41 -32.09
C PRO B 93 -21.17 0.82 -32.20
N HIS B 94 -22.45 0.70 -31.85
CA HIS B 94 -23.37 1.81 -31.94
C HIS B 94 -23.21 2.83 -30.83
N SER B 95 -22.39 2.54 -29.81
CA SER B 95 -21.94 3.57 -28.89
C SER B 95 -21.22 4.69 -29.62
N HIS B 96 -20.59 4.36 -30.75
CA HIS B 96 -19.70 5.26 -31.48
C HIS B 96 -18.52 5.70 -30.64
N LEU B 97 -18.17 4.91 -29.62
CA LEU B 97 -16.93 5.20 -28.90
C LEU B 97 -15.74 5.20 -29.83
N LEU B 98 -15.70 4.27 -30.78
CA LEU B 98 -14.70 4.30 -31.83
C LEU B 98 -15.31 4.87 -33.10
N PRO B 99 -14.73 5.90 -33.71
CA PRO B 99 -15.22 6.32 -35.02
C PRO B 99 -14.96 5.26 -36.08
N HIS B 100 -15.78 5.28 -37.13
CA HIS B 100 -15.55 4.39 -38.26
C HIS B 100 -14.28 4.73 -39.02
N ASP B 101 -13.93 5.99 -39.07
CA ASP B 101 -12.86 6.42 -39.98
C ASP B 101 -11.49 6.03 -39.45
N PRO B 102 -10.69 5.31 -40.22
CA PRO B 102 -9.40 4.85 -39.66
C PRO B 102 -8.51 5.99 -39.19
N VAL B 103 -8.45 7.09 -39.94
CA VAL B 103 -7.65 8.22 -39.48
C VAL B 103 -8.15 8.72 -38.14
N LYS B 104 -9.47 8.84 -37.98
CA LYS B 104 -9.96 9.34 -36.70
C LYS B 104 -9.66 8.35 -35.58
N ARG B 105 -9.70 7.05 -35.88
CA ARG B 105 -9.36 6.09 -34.83
C ARG B 105 -7.91 6.26 -34.40
N ALA B 106 -7.01 6.43 -35.36
CA ALA B 106 -5.59 6.59 -35.05
C ALA B 106 -5.33 7.87 -34.24
N GLN B 107 -5.98 8.97 -34.64
CA GLN B 107 -5.85 10.25 -33.94
C GLN B 107 -6.40 10.18 -32.53
N ALA B 108 -7.47 9.43 -32.32
CA ALA B 108 -8.01 9.27 -30.97
C ALA B 108 -7.04 8.49 -30.10
N ARG B 109 -6.44 7.43 -30.67
CA ARG B 109 -5.47 6.62 -29.96
C ARG B 109 -4.18 7.39 -29.72
N PHE B 110 -3.82 8.28 -30.63
CA PHE B 110 -2.61 9.09 -30.42
C PHE B 110 -2.84 10.10 -29.33
N PHE B 111 -4.02 10.69 -29.27
CA PHE B 111 -4.38 11.51 -28.13
C PHE B 111 -4.29 10.73 -26.82
N ILE B 112 -4.78 9.48 -26.81
CA ILE B 112 -4.62 8.60 -25.63
C ILE B 112 -3.14 8.42 -25.30
N ASP B 113 -2.29 8.20 -26.29
CA ASP B 113 -0.87 8.11 -25.97
C ASP B 113 -0.39 9.40 -25.31
N GLY B 114 -0.85 10.54 -25.82
CA GLY B 114 -0.52 11.83 -25.20
C GLY B 114 -0.98 11.90 -23.76
N VAL B 115 -2.18 11.38 -23.48
CA VAL B 115 -2.68 11.34 -22.11
C VAL B 115 -1.76 10.46 -21.26
N SER B 116 -1.47 9.24 -21.73
CA SER B 116 -0.74 8.27 -20.91
C SER B 116 0.68 8.73 -20.59
N THR B 117 1.40 9.26 -21.60
CA THR B 117 2.83 9.50 -21.51
C THR B 117 3.20 10.96 -21.23
N LYS B 118 2.25 11.86 -21.32
CA LYS B 118 2.55 13.26 -21.08
C LYS B 118 1.65 13.85 -20.00
N PHE B 119 0.33 13.86 -20.21
CA PHE B 119 -0.55 14.51 -19.24
C PHE B 119 -0.40 13.87 -17.88
N ILE B 120 -0.68 12.57 -17.78
CA ILE B 120 -0.75 11.93 -16.46
C ILE B 120 0.58 12.01 -15.72
N PRO B 121 1.71 11.63 -16.31
CA PRO B 121 2.98 11.79 -15.59
C PRO B 121 3.31 13.24 -15.22
N ALA B 122 3.01 14.20 -16.09
CA ALA B 122 3.25 15.58 -15.74
C ALA B 122 2.35 16.02 -14.62
N TRP B 123 1.10 15.53 -14.61
CA TRP B 123 0.21 15.85 -13.51
C TRP B 123 0.68 15.20 -12.23
N HIS B 124 1.16 13.95 -12.31
CA HIS B 124 1.72 13.36 -11.08
C HIS B 124 2.98 14.10 -10.68
N ALA B 125 3.80 14.52 -11.65
CA ALA B 125 5.01 15.29 -11.33
C ALA B 125 4.66 16.56 -10.58
N PHE B 126 3.81 17.38 -11.14
CA PHE B 126 3.44 18.64 -10.53
C PHE B 126 2.72 18.55 -9.22
N SER B 127 1.76 17.65 -9.11
CA SER B 127 0.97 17.55 -7.89
C SER B 127 1.74 16.98 -6.73
N GLN B 128 2.87 16.41 -7.03
CA GLN B 128 3.70 15.83 -6.01
C GLN B 128 4.82 16.79 -5.65
N GLY B 129 4.86 17.95 -6.29
CA GLY B 129 5.86 18.96 -6.05
C GLY B 129 7.21 18.64 -6.65
N LYS B 130 7.22 17.74 -7.62
CA LYS B 130 8.42 17.34 -8.29
C LYS B 130 8.75 18.03 -9.59
N SER B 131 7.89 18.96 -9.98
CA SER B 131 8.02 19.68 -11.21
C SER B 131 7.43 21.05 -11.05
N SER B 132 7.87 21.93 -11.92
CA SER B 132 7.42 23.28 -11.89
C SER B 132 6.08 23.41 -12.51
N GLU B 133 5.48 24.52 -12.20
CA GLU B 133 4.19 24.81 -12.79
C GLU B 133 4.31 25.03 -14.29
N GLU B 134 5.42 25.63 -14.74
CA GLU B 134 5.63 25.81 -16.17
C GLU B 134 5.77 24.47 -16.87
N ASP B 135 6.48 23.52 -16.26
CA ASP B 135 6.51 22.16 -16.79
C ASP B 135 5.10 21.61 -16.98
N PHE B 136 4.22 21.79 -16.00
CA PHE B 136 2.90 21.21 -16.10
C PHE B 136 2.10 21.88 -17.22
N LEU B 137 2.11 23.20 -17.30
CA LEU B 137 1.29 23.86 -18.31
C LEU B 137 1.82 23.58 -19.72
N THR B 138 3.15 23.40 -19.86
CA THR B 138 3.71 23.02 -21.15
C THR B 138 3.15 21.67 -21.60
N ALA B 139 3.06 20.70 -20.69
CA ALA B 139 2.46 19.41 -21.05
C ALA B 139 1.02 19.57 -21.53
N VAL B 140 0.20 20.29 -20.74
CA VAL B 140 -1.18 20.56 -21.13
C VAL B 140 -1.20 21.27 -22.48
N GLU B 141 -0.12 21.97 -22.80
CA GLU B 141 -0.06 22.71 -24.06
C GLU B 141 0.15 21.79 -25.26
N HIS B 142 1.04 20.79 -25.16
CA HIS B 142 1.14 19.79 -26.22
C HIS B 142 -0.21 19.14 -26.47
N LEU B 143 -0.93 18.83 -25.40
CA LEU B 143 -2.23 18.19 -25.57
C LEU B 143 -3.22 19.15 -26.21
N GLN B 144 -3.21 20.41 -25.81
CA GLN B 144 -4.15 21.38 -26.37
C GLN B 144 -3.96 21.52 -27.88
N ALA B 145 -2.71 21.50 -28.32
CA ALA B 145 -2.44 21.64 -29.75
C ALA B 145 -2.98 20.49 -30.58
N LEU B 146 -3.29 19.35 -29.95
CA LEU B 146 -3.93 18.26 -30.66
C LEU B 146 -5.40 18.50 -30.92
N LEU B 147 -6.02 19.42 -30.21
CA LEU B 147 -7.47 19.53 -30.27
C LEU B 147 -7.89 20.22 -31.57
N PRO B 148 -8.98 19.74 -32.23
CA PRO B 148 -9.47 20.46 -33.41
C PRO B 148 -10.10 21.76 -32.97
N GLU B 149 -10.59 22.59 -33.89
CA GLU B 149 -11.10 23.91 -33.51
C GLU B 149 -12.28 23.80 -32.56
N SER B 150 -13.17 22.83 -32.79
CA SER B 150 -14.33 22.66 -31.93
C SER B 150 -14.58 21.17 -31.64
N GLY B 151 -15.23 20.94 -30.50
CA GLY B 151 -15.64 19.61 -30.12
C GLY B 151 -14.59 18.91 -29.31
N PHE B 152 -14.69 17.58 -29.27
CA PHE B 152 -13.83 16.77 -28.43
C PHE B 152 -12.53 16.44 -29.17
N ALA B 153 -11.73 15.53 -28.60
CA ALA B 153 -10.36 15.34 -29.03
C ALA B 153 -10.24 15.01 -30.52
N VAL B 154 -11.20 14.29 -31.10
CA VAL B 154 -11.19 14.10 -32.55
C VAL B 154 -12.53 14.54 -33.16
N GLY B 155 -13.17 15.53 -32.56
CA GLY B 155 -14.46 15.98 -33.05
C GLY B 155 -15.61 15.37 -32.28
N ALA B 156 -16.19 14.29 -32.81
CA ALA B 156 -17.14 13.51 -32.05
C ALA B 156 -16.47 12.93 -30.80
N TYR B 157 -17.25 12.78 -29.73
CA TYR B 157 -16.79 12.06 -28.54
C TYR B 157 -16.24 10.69 -28.91
N SER B 158 -15.10 10.33 -28.31
CA SER B 158 -14.42 9.07 -28.59
C SER B 158 -13.73 8.53 -27.34
N ILE B 159 -13.10 7.35 -27.49
CA ILE B 159 -12.32 6.76 -26.43
C ILE B 159 -11.21 7.72 -25.99
N ALA B 160 -10.85 8.68 -26.86
CA ALA B 160 -9.83 9.64 -26.45
C ALA B 160 -10.29 10.45 -25.26
N ASP B 161 -11.57 10.84 -25.25
CA ASP B 161 -12.10 11.65 -24.16
C ASP B 161 -12.34 10.80 -22.92
N VAL B 162 -12.77 9.55 -23.12
CA VAL B 162 -12.88 8.57 -22.05
C VAL B 162 -11.58 8.49 -21.27
N ALA B 163 -10.48 8.38 -22.00
CA ALA B 163 -9.19 8.13 -21.36
C ALA B 163 -8.82 9.25 -20.39
N LEU B 164 -9.13 10.49 -20.74
CA LEU B 164 -8.59 11.65 -20.03
C LEU B 164 -9.51 12.10 -18.91
N THR B 165 -10.82 12.03 -19.12
CA THR B 165 -11.73 12.72 -18.23
C THR B 165 -11.57 12.31 -16.77
N PRO B 166 -11.47 11.03 -16.41
CA PRO B 166 -11.26 10.69 -14.99
C PRO B 166 -10.06 11.39 -14.38
N PHE B 167 -8.99 11.60 -15.15
CA PHE B 167 -7.80 12.20 -14.54
C PHE B 167 -7.93 13.70 -14.38
N LEU B 168 -8.62 14.32 -15.33
CA LEU B 168 -8.92 15.73 -15.23
C LEU B 168 -9.88 16.00 -14.08
N GLY B 169 -10.91 15.16 -13.93
CA GLY B 169 -11.84 15.34 -12.82
C GLY B 169 -11.14 15.31 -11.47
N ARG B 170 -10.27 14.32 -11.26
CA ARG B 170 -9.59 14.25 -9.97
C ARG B 170 -8.57 15.37 -9.83
N ALA B 171 -7.91 15.76 -10.92
CA ALA B 171 -6.99 16.88 -10.83
C ALA B 171 -7.72 18.14 -10.37
N ARG B 172 -8.96 18.33 -10.81
CA ARG B 172 -9.76 19.47 -10.40
C ARG B 172 -10.00 19.39 -8.86
N VAL B 173 -10.48 18.26 -8.34
CA VAL B 173 -10.66 18.14 -6.90
C VAL B 173 -9.37 18.48 -6.19
N THR B 174 -8.24 17.97 -6.70
CA THR B 174 -6.96 18.23 -6.05
C THR B 174 -6.66 19.73 -6.02
N LEU B 175 -6.79 20.41 -7.16
CA LEU B 175 -6.37 21.80 -7.22
C LEU B 175 -7.35 22.70 -6.48
N LYS B 176 -8.64 22.37 -6.53
CA LYS B 176 -9.64 23.21 -5.90
C LYS B 176 -9.52 23.18 -4.38
N GLU B 177 -8.98 22.11 -3.80
CA GLU B 177 -8.81 22.00 -2.35
C GLU B 177 -7.35 22.16 -1.94
N ASP B 178 -6.56 22.83 -2.78
CA ASP B 178 -5.13 23.07 -2.53
C ASP B 178 -4.46 21.90 -1.83
N LEU B 179 -4.53 20.74 -2.49
CA LEU B 179 -3.84 19.54 -2.04
C LEU B 179 -2.65 19.29 -2.97
N GLY B 180 -1.70 18.50 -2.50
CA GLY B 180 -0.48 18.28 -3.27
C GLY B 180 0.60 19.33 -3.09
N GLY B 181 1.87 18.92 -3.09
CA GLY B 181 2.99 19.81 -2.81
C GLY B 181 3.35 20.79 -3.92
N GLY B 187 -2.39 27.21 -7.16
CA GLY B 187 -3.22 26.28 -6.42
C GLY B 187 -4.59 26.19 -7.10
N PRO B 188 -5.61 26.81 -6.49
CA PRO B 188 -6.85 27.05 -7.24
C PRO B 188 -6.69 28.10 -8.34
N ARG B 189 -5.50 28.70 -8.47
CA ARG B 189 -5.23 29.52 -9.64
C ARG B 189 -4.69 28.70 -10.80
N VAL B 190 -3.99 27.60 -10.54
CA VAL B 190 -3.66 26.69 -11.63
C VAL B 190 -4.95 26.09 -12.19
N LEU B 191 -5.83 25.63 -11.30
CA LEU B 191 -7.15 25.21 -11.74
C LEU B 191 -7.83 26.27 -12.58
N ALA B 192 -7.45 27.53 -12.40
CA ALA B 192 -8.05 28.61 -13.20
C ALA B 192 -7.54 28.57 -14.63
N VAL B 193 -6.22 28.52 -14.80
CA VAL B 193 -5.65 28.57 -16.15
C VAL B 193 -6.09 27.35 -16.95
N LEU B 194 -6.33 26.22 -16.28
CA LEU B 194 -6.71 25.01 -17.00
C LEU B 194 -8.14 25.09 -17.51
N THR B 195 -9.02 25.74 -16.77
CA THR B 195 -10.45 25.64 -17.00
C THR B 195 -11.10 26.98 -17.32
N SER B 196 -10.38 28.10 -17.17
CA SER B 196 -11.02 29.40 -17.28
C SER B 196 -11.66 29.64 -18.64
N GLY B 197 -11.24 28.91 -19.68
CA GLY B 197 -11.72 29.19 -21.01
C GLY B 197 -11.10 30.43 -21.62
N THR B 198 -10.03 30.95 -21.04
CA THR B 198 -9.35 32.14 -21.55
C THR B 198 -7.87 32.04 -21.21
N GLY B 199 -7.06 32.76 -21.99
CA GLY B 199 -5.63 32.84 -21.71
C GLY B 199 -4.79 31.84 -22.49
N ARG B 200 -3.69 31.40 -21.88
CA ARG B 200 -2.75 30.52 -22.55
C ARG B 200 -3.37 29.17 -22.92
N LEU B 201 -4.31 28.70 -22.10
CA LEU B 201 -4.94 27.40 -22.32
C LEU B 201 -6.44 27.58 -22.45
N ALA B 202 -6.85 28.62 -23.18
CA ALA B 202 -8.27 28.88 -23.36
C ALA B 202 -8.97 27.74 -24.10
N ARG B 203 -8.34 27.21 -25.16
CA ARG B 203 -8.95 26.12 -25.91
C ARG B 203 -9.11 24.89 -25.03
N PHE B 204 -8.04 24.49 -24.35
CA PHE B 204 -8.11 23.35 -23.44
C PHE B 204 -9.18 23.57 -22.39
N GLY B 205 -9.32 24.80 -21.91
CA GLY B 205 -10.34 25.09 -20.91
C GLY B 205 -11.74 24.80 -21.42
N LYS B 206 -12.04 25.16 -22.67
CA LYS B 206 -13.33 24.83 -23.24
C LYS B 206 -13.45 23.33 -23.44
N TYR B 207 -12.37 22.68 -23.87
CA TYR B 207 -12.36 21.23 -23.96
C TYR B 207 -12.65 20.61 -22.59
N ALA B 208 -11.94 21.09 -21.57
CA ALA B 208 -12.09 20.54 -20.23
C ALA B 208 -13.52 20.68 -19.72
N GLN B 209 -14.16 21.84 -19.98
CA GLN B 209 -15.53 22.05 -19.53
C GLN B 209 -16.46 21.06 -20.19
N ASP B 210 -16.31 20.87 -21.51
CA ASP B 210 -17.08 19.87 -22.22
C ASP B 210 -16.90 18.48 -21.59
N LEU B 211 -15.65 18.06 -21.39
CA LEU B 211 -15.40 16.75 -20.76
C LEU B 211 -16.15 16.62 -19.45
N LEU B 212 -15.94 17.58 -18.55
CA LEU B 212 -16.49 17.49 -17.20
C LEU B 212 -18.00 17.56 -17.20
N ALA B 213 -18.60 18.15 -18.23
CA ALA B 213 -20.04 18.23 -18.33
C ALA B 213 -20.66 17.01 -19.00
N ARG B 214 -19.85 16.13 -19.58
CA ARG B 214 -20.40 14.95 -20.22
C ARG B 214 -21.21 14.11 -19.24
N GLU B 215 -22.38 13.63 -19.69
CA GLU B 215 -23.27 12.92 -18.77
C GLU B 215 -22.60 11.65 -18.26
N SER B 216 -21.87 10.96 -19.13
CA SER B 216 -21.26 9.71 -18.69
C SER B 216 -20.23 9.96 -17.61
N PHE B 217 -19.56 11.11 -17.63
CA PHE B 217 -18.57 11.38 -16.59
C PHE B 217 -19.26 11.72 -15.27
N GLN B 218 -20.17 12.69 -15.29
CA GLN B 218 -20.80 13.11 -14.04
C GLN B 218 -21.65 12.00 -13.45
N ALA B 219 -22.16 11.09 -14.28
CA ALA B 219 -22.92 9.95 -13.77
C ALA B 219 -22.04 8.94 -13.05
N THR B 220 -20.74 8.91 -13.35
CA THR B 220 -19.82 7.93 -12.79
C THR B 220 -18.77 8.57 -11.87
N PHE B 221 -18.98 9.83 -11.46
CA PHE B 221 -18.04 10.58 -10.64
C PHE B 221 -18.75 11.02 -9.36
N ASP B 222 -18.40 10.36 -8.24
CA ASP B 222 -18.93 10.68 -6.92
C ASP B 222 -18.06 11.79 -6.32
N GLU B 223 -18.43 13.05 -6.60
CA GLU B 223 -17.55 14.16 -6.27
C GLU B 223 -17.29 14.26 -4.77
N ALA B 224 -18.29 13.92 -3.96
CA ALA B 224 -18.12 13.96 -2.51
C ALA B 224 -17.07 12.95 -2.08
N TYR B 225 -17.23 11.72 -2.51
CA TYR B 225 -16.29 10.66 -2.18
C TYR B 225 -14.86 11.05 -2.46
N ILE B 226 -14.62 11.54 -3.68
CA ILE B 226 -13.25 11.83 -4.12
C ILE B 226 -12.64 12.93 -3.29
N THR B 227 -13.42 13.99 -3.02
CA THR B 227 -12.96 15.08 -2.16
C THR B 227 -12.65 14.57 -0.77
N GLU B 228 -13.57 13.79 -0.17
CA GLU B 228 -13.36 13.28 1.17
C GLU B 228 -12.08 12.44 1.23
N ARG B 229 -11.92 11.52 0.29
CA ARG B 229 -10.77 10.65 0.35
C ARG B 229 -9.49 11.43 0.13
N TYR B 230 -9.53 12.39 -0.81
CA TYR B 230 -8.34 13.16 -1.14
C TYR B 230 -7.92 14.05 0.02
N LYS B 231 -8.87 14.77 0.63
CA LYS B 231 -8.55 15.58 1.80
C LYS B 231 -7.95 14.71 2.91
N ALA B 232 -8.65 13.62 3.25
CA ALA B 232 -8.14 12.70 4.26
C ALA B 232 -6.76 12.18 3.88
N ARG B 233 -6.59 11.75 2.63
CA ARG B 233 -5.30 11.22 2.24
C ARG B 233 -4.22 12.30 2.27
N PHE B 234 -4.60 13.58 2.08
CA PHE B 234 -3.64 14.68 2.20
C PHE B 234 -3.17 14.85 3.63
N ALA B 235 -3.97 14.44 4.61
CA ALA B 235 -3.59 14.50 6.02
C ALA B 235 -3.22 13.12 6.55
#